data_4ZRT
#
_entry.id   4ZRT
#
_cell.length_a   43.848
_cell.length_b   88.725
_cell.length_c   50.043
_cell.angle_alpha   90.00
_cell.angle_beta   97.25
_cell.angle_gamma   90.00
#
_symmetry.space_group_name_H-M   'P 1 21 1'
#
loop_
_entity.id
_entity.type
_entity.pdbx_description
1 polymer 'Tyrosine-protein phosphatase non-receptor type 1'
2 polymer GLY-PRO-LEU-PTR-ASP-GLU
3 non-polymer 'MAGNESIUM ION'
4 non-polymer 'CHLORIDE ION'
5 non-polymer GLYCEROL
6 water water
#
loop_
_entity_poly.entity_id
_entity_poly.type
_entity_poly.pdbx_seq_one_letter_code
_entity_poly.pdbx_strand_id
1 'polypeptide(L)'
;MEMEKEFEQIDKSGSWAAIYQDIRHEASDFPCRVAKLPKNKNRNRYRDVSPFDHSRIKLHQEDNDYINASLIKMEEAQRS
YILTQGPLPNTCGHFWEMVWEQKSRGVVMLNRVMEKGSLKCAQYWPQKEEKEMIFEDTNLKLTLISEDIKSYYTVRQLEL
ENLTTQETREILHFHYTTWPDFGVPESPASFLNFLFKVRESGSLSPEHGPVVVHSSAGIGRSGTFCLADTCLLLMDKRKD
PSSVDIKKVLLEMRKFRMGLIQTADQLRFSYLAVIEGAKFIMGDSSVQDQWKELSHED
;
A
2 'polypeptide(L)' AWGPL(PTR)DEVQM B
#
# COMPACT_ATOMS: atom_id res chain seq x y z
N GLU A 2 7.19 18.82 18.45
CA GLU A 2 8.29 18.58 17.47
C GLU A 2 7.76 18.41 16.02
N MET A 3 7.01 17.34 15.74
CA MET A 3 6.47 17.09 14.38
C MET A 3 5.78 18.31 13.75
N GLU A 4 4.88 18.93 14.50
CA GLU A 4 4.14 20.06 13.94
C GLU A 4 5.01 21.34 13.71
N LYS A 5 6.00 21.55 14.58
CA LYS A 5 6.98 22.66 14.43
C LYS A 5 7.86 22.41 13.20
N GLU A 6 8.31 21.16 13.04
CA GLU A 6 9.12 20.81 11.86
C GLU A 6 8.35 21.10 10.59
N PHE A 7 7.06 20.77 10.52
CA PHE A 7 6.27 21.02 9.27
C PHE A 7 6.31 22.51 8.91
N GLU A 8 6.02 23.34 9.92
CA GLU A 8 6.13 24.81 9.84
C GLU A 8 7.45 25.27 9.23
N GLN A 9 8.58 24.89 9.86
CA GLN A 9 9.91 25.38 9.47
C GLN A 9 10.22 24.99 8.08
N ILE A 10 9.81 23.79 7.67
CA ILE A 10 10.12 23.28 6.31
C ILE A 10 9.26 24.04 5.29
N ASP A 11 8.00 24.26 5.65
CA ASP A 11 7.13 25.03 4.77
C ASP A 11 7.69 26.49 4.66
N LYS A 12 7.89 27.13 5.82
CA LYS A 12 8.59 28.43 5.89
C LYS A 12 9.77 28.48 4.94
N SER A 13 10.64 27.48 4.98
CA SER A 13 11.88 27.45 4.15
C SER A 13 11.72 27.07 2.71
N GLY A 14 10.58 26.52 2.32
CA GLY A 14 10.44 25.87 1.01
C GLY A 14 11.55 24.85 0.78
N SER A 15 11.81 24.06 1.80
CA SER A 15 12.86 23.05 1.77
C SER A 15 12.32 21.55 1.62
N TRP A 16 11.06 21.37 1.30
CA TRP A 16 10.52 20.04 0.96
C TRP A 16 11.37 19.25 -0.02
N ALA A 17 11.73 19.83 -1.18
CA ALA A 17 12.58 19.12 -2.11
C ALA A 17 13.92 18.71 -1.51
N ALA A 18 14.56 19.62 -0.79
CA ALA A 18 15.87 19.31 -0.20
C ALA A 18 15.72 18.12 0.79
N ILE A 19 14.71 18.21 1.63
CA ILE A 19 14.50 17.22 2.67
C ILE A 19 14.27 15.85 2.01
N TYR A 20 13.40 15.85 1.03
CA TYR A 20 13.09 14.62 0.27
C TYR A 20 14.34 14.09 -0.42
N GLN A 21 15.18 14.95 -1.02
CA GLN A 21 16.39 14.42 -1.67
C GLN A 21 17.38 13.78 -0.69
N ASP A 22 17.42 14.26 0.53
CA ASP A 22 18.33 13.75 1.56
C ASP A 22 17.84 12.36 1.88
N ILE A 23 16.54 12.22 2.00
CA ILE A 23 15.99 10.84 2.24
C ILE A 23 16.46 9.87 1.15
N ARG A 24 16.31 10.27 -0.13
CA ARG A 24 16.74 9.48 -1.26
C ARG A 24 18.18 9.12 -1.11
N HIS A 25 18.98 10.11 -0.78
CA HIS A 25 20.43 9.87 -0.64
C HIS A 25 20.80 8.95 0.49
N GLU A 26 20.07 8.99 1.61
CA GLU A 26 20.38 8.21 2.79
C GLU A 26 19.72 6.80 2.77
N ALA A 27 18.73 6.56 1.88
CA ALA A 27 18.04 5.23 1.86
C ALA A 27 18.95 4.11 1.68
N SER A 28 18.54 2.97 2.24
CA SER A 28 19.22 1.73 2.09
C SER A 28 19.41 1.26 0.68
N ASP A 29 20.48 0.51 0.43
CA ASP A 29 20.65 -0.17 -0.83
C ASP A 29 21.02 -1.60 -0.42
N PHE A 30 20.23 -2.55 -0.82
CA PHE A 30 20.50 -3.97 -0.61
C PHE A 30 20.38 -4.70 -1.96
N PRO A 31 20.84 -5.99 -2.07
CA PRO A 31 20.85 -6.63 -3.37
C PRO A 31 19.41 -7.08 -3.74
N CYS A 32 19.09 -6.97 -5.02
CA CYS A 32 17.84 -7.54 -5.59
C CYS A 32 18.19 -8.62 -6.64
N ARG A 33 19.06 -9.56 -6.27
CA ARG A 33 19.54 -10.54 -7.31
C ARG A 33 18.44 -11.38 -7.93
N VAL A 34 17.48 -11.87 -7.14
CA VAL A 34 16.44 -12.68 -7.74
C VAL A 34 15.56 -11.87 -8.67
N ALA A 35 15.15 -10.69 -8.21
CA ALA A 35 14.39 -9.84 -9.12
C ALA A 35 15.02 -9.68 -10.50
N LYS A 36 16.35 -9.65 -10.52
CA LYS A 36 17.15 -9.32 -11.71
C LYS A 36 17.45 -10.54 -12.58
N LEU A 37 17.06 -11.70 -12.18
CA LEU A 37 17.31 -12.88 -12.97
C LEU A 37 16.64 -12.84 -14.30
N PRO A 38 17.38 -13.26 -15.37
CA PRO A 38 16.74 -13.09 -16.67
C PRO A 38 15.37 -13.77 -16.79
N LYS A 39 15.15 -14.88 -16.16
CA LYS A 39 13.84 -15.50 -16.22
C LYS A 39 12.67 -14.74 -15.55
N ASN A 40 13.02 -13.79 -14.71
CA ASN A 40 12.02 -12.93 -14.00
C ASN A 40 11.73 -11.60 -14.68
N LYS A 41 12.26 -11.36 -15.90
CA LYS A 41 12.00 -10.07 -16.54
C LYS A 41 10.52 -9.79 -16.77
N ASN A 42 9.77 -10.78 -17.21
CA ASN A 42 8.34 -10.67 -17.41
C ASN A 42 7.47 -10.66 -16.13
N ARG A 43 8.13 -10.74 -14.94
CA ARG A 43 7.45 -10.71 -13.67
C ARG A 43 7.56 -9.29 -13.02
N ASN A 44 8.27 -8.39 -13.70
CA ASN A 44 8.56 -7.10 -13.19
C ASN A 44 7.93 -6.02 -14.05
N ARG A 45 7.08 -5.22 -13.49
CA ARG A 45 6.47 -4.10 -14.29
C ARG A 45 7.44 -3.01 -14.70
N TYR A 46 8.29 -2.56 -13.78
CA TYR A 46 9.31 -1.51 -13.99
C TYR A 46 10.71 -2.02 -13.67
N ARG A 47 11.66 -1.79 -14.59
CA ARG A 47 13.08 -2.06 -14.40
C ARG A 47 13.69 -1.43 -13.16
N ASP A 48 13.20 -0.27 -12.75
CA ASP A 48 13.74 0.54 -11.65
C ASP A 48 13.04 0.32 -10.31
N VAL A 49 12.17 -0.71 -10.22
CA VAL A 49 11.46 -1.02 -8.93
C VAL A 49 11.50 -2.54 -8.75
N SER A 50 12.35 -2.93 -7.82
CA SER A 50 12.55 -4.36 -7.49
C SER A 50 12.53 -4.55 -5.99
N PRO A 51 12.07 -5.73 -5.51
CA PRO A 51 12.21 -6.10 -4.11
C PRO A 51 13.60 -6.49 -3.76
N PHE A 52 14.03 -6.08 -2.55
CA PHE A 52 15.26 -6.59 -1.99
C PHE A 52 15.18 -8.08 -1.79
N ASP A 53 16.26 -8.80 -2.03
CA ASP A 53 16.22 -10.22 -1.68
C ASP A 53 15.82 -10.50 -0.21
N HIS A 54 16.32 -9.68 0.70
CA HIS A 54 16.14 -9.99 2.07
C HIS A 54 14.69 -9.93 2.53
N SER A 55 13.88 -9.04 1.92
CA SER A 55 12.48 -8.82 2.36
C SER A 55 11.46 -9.25 1.32
N ARG A 56 11.89 -9.88 0.21
CA ARG A 56 10.94 -10.32 -0.85
C ARG A 56 9.99 -11.39 -0.33
N ILE A 57 8.73 -11.32 -0.80
CA ILE A 57 7.80 -12.39 -0.53
C ILE A 57 8.07 -13.52 -1.48
N LYS A 58 8.25 -14.73 -0.94
CA LYS A 58 8.38 -15.88 -1.75
C LYS A 58 7.03 -16.65 -1.91
N LEU A 59 6.77 -17.05 -3.15
CA LEU A 59 5.61 -17.83 -3.52
C LEU A 59 5.91 -19.28 -3.05
N HIS A 60 4.93 -20.06 -2.63
CA HIS A 60 5.19 -21.49 -2.26
C HIS A 60 5.18 -22.42 -3.46
N GLN A 61 6.17 -22.27 -4.32
CA GLN A 61 6.16 -22.82 -5.70
C GLN A 61 7.58 -23.38 -5.83
N GLU A 62 7.70 -24.61 -6.34
CA GLU A 62 9.03 -25.16 -6.72
C GLU A 62 9.47 -24.53 -8.04
N ASP A 63 8.51 -24.39 -8.94
CA ASP A 63 8.75 -23.79 -10.22
C ASP A 63 9.65 -22.49 -10.01
N ASN A 64 9.03 -21.42 -9.58
CA ASN A 64 9.68 -20.11 -9.60
C ASN A 64 8.93 -19.38 -8.52
N ASP A 65 9.61 -19.11 -7.42
CA ASP A 65 9.00 -18.53 -6.29
C ASP A 65 8.90 -16.98 -6.37
N TYR A 66 9.25 -16.40 -7.47
CA TYR A 66 9.40 -14.91 -7.54
C TYR A 66 8.10 -14.12 -7.79
N ILE A 67 7.87 -13.11 -6.95
CA ILE A 67 6.87 -12.06 -7.24
C ILE A 67 7.51 -10.75 -6.88
N ASN A 68 7.10 -9.64 -7.53
CA ASN A 68 7.61 -8.33 -7.17
C ASN A 68 6.81 -7.76 -5.97
N ALA A 69 7.18 -8.19 -4.75
CA ALA A 69 6.47 -7.87 -3.53
C ALA A 69 7.43 -7.94 -2.39
N SER A 70 7.23 -7.09 -1.36
CA SER A 70 8.15 -6.99 -0.22
C SER A 70 7.37 -7.00 1.07
N LEU A 71 7.88 -7.66 2.12
CA LEU A 71 7.28 -7.55 3.45
C LEU A 71 7.93 -6.41 4.21
N ILE A 72 7.13 -5.41 4.56
CA ILE A 72 7.59 -4.26 5.37
C ILE A 72 7.17 -4.58 6.81
N LYS A 73 8.14 -4.92 7.66
CA LYS A 73 7.81 -5.32 9.00
C LYS A 73 8.25 -4.22 10.01
N MET A 74 7.29 -3.40 10.49
CA MET A 74 7.55 -2.27 11.37
C MET A 74 7.51 -2.85 12.80
N GLU A 75 8.70 -3.06 13.30
CA GLU A 75 8.88 -3.75 14.60
C GLU A 75 8.28 -2.93 15.72
N GLU A 76 8.67 -1.68 15.86
CA GLU A 76 8.16 -0.88 17.02
C GLU A 76 6.63 -0.69 16.90
N ALA A 77 6.17 -0.33 15.68
CA ALA A 77 4.72 -0.26 15.38
C ALA A 77 3.90 -1.54 15.51
N GLN A 78 4.51 -2.71 15.42
CA GLN A 78 3.92 -4.01 15.50
C GLN A 78 2.89 -4.20 14.38
N ARG A 79 3.22 -3.68 13.19
CA ARG A 79 2.35 -3.90 11.96
C ARG A 79 3.28 -4.30 10.81
N SER A 80 2.83 -5.25 10.01
CA SER A 80 3.45 -5.65 8.74
C SER A 80 2.50 -5.32 7.57
N TYR A 81 3.09 -4.97 6.43
CA TYR A 81 2.36 -4.74 5.20
C TYR A 81 3.11 -5.45 4.10
N ILE A 82 2.40 -5.86 3.08
CA ILE A 82 3.06 -6.39 1.90
C ILE A 82 2.86 -5.36 0.84
N LEU A 83 3.94 -4.84 0.30
CA LEU A 83 3.81 -3.83 -0.77
C LEU A 83 4.22 -4.57 -2.05
N THR A 84 3.39 -4.44 -3.07
CA THR A 84 3.57 -5.08 -4.34
C THR A 84 3.23 -4.14 -5.53
N GLN A 85 3.80 -4.44 -6.68
CA GLN A 85 3.45 -3.73 -7.89
C GLN A 85 1.99 -4.07 -8.28
N GLY A 86 1.45 -3.30 -9.20
CA GLY A 86 0.15 -3.66 -9.79
C GLY A 86 0.43 -4.88 -10.64
N PRO A 87 -0.29 -5.97 -10.42
CA PRO A 87 0.06 -7.20 -11.12
C PRO A 87 -0.07 -7.10 -12.65
N LEU A 88 0.74 -7.88 -13.36
CA LEU A 88 0.78 -7.88 -14.81
C LEU A 88 -0.19 -8.93 -15.32
N PRO A 89 -0.47 -8.97 -16.65
CA PRO A 89 -1.44 -9.97 -17.07
C PRO A 89 -1.00 -11.40 -16.75
N ASN A 90 0.29 -11.62 -16.68
CA ASN A 90 0.79 -12.96 -16.43
C ASN A 90 1.08 -13.27 -14.92
N THR A 91 0.88 -12.29 -14.06
CA THR A 91 1.16 -12.35 -12.62
C THR A 91 -0.04 -12.28 -11.74
N CYS A 92 -1.25 -12.23 -12.30
CA CYS A 92 -2.42 -12.08 -11.49
C CYS A 92 -2.59 -13.36 -10.60
N GLY A 93 -2.31 -14.50 -11.22
CA GLY A 93 -2.34 -15.75 -10.48
C GLY A 93 -1.34 -15.76 -9.30
N HIS A 94 -0.13 -15.27 -9.54
CA HIS A 94 0.89 -15.18 -8.52
C HIS A 94 0.40 -14.23 -7.41
N PHE A 95 -0.17 -13.04 -7.76
CA PHE A 95 -0.75 -12.15 -6.81
C PHE A 95 -1.70 -12.89 -5.81
N TRP A 96 -2.69 -13.61 -6.32
CA TRP A 96 -3.75 -14.11 -5.49
C TRP A 96 -3.16 -15.36 -4.73
N GLU A 97 -2.13 -15.96 -5.30
CA GLU A 97 -1.44 -17.08 -4.58
C GLU A 97 -0.73 -16.49 -3.35
N MET A 98 -0.09 -15.34 -3.53
CA MET A 98 0.48 -14.65 -2.40
C MET A 98 -0.53 -14.24 -1.34
N VAL A 99 -1.70 -13.70 -1.75
CA VAL A 99 -2.70 -13.32 -0.82
C VAL A 99 -3.12 -14.54 0.00
N TRP A 100 -3.25 -15.64 -0.70
CA TRP A 100 -3.68 -16.88 -0.09
C TRP A 100 -2.63 -17.44 0.97
N GLU A 101 -1.41 -17.60 0.49
CA GLU A 101 -0.29 -18.14 1.30
C GLU A 101 0.06 -17.23 2.41
N GLN A 102 -0.06 -15.90 2.25
CA GLN A 102 0.23 -15.02 3.38
C GLN A 102 -0.90 -14.70 4.34
N LYS A 103 -2.09 -15.21 4.05
CA LYS A 103 -3.30 -15.11 4.81
C LYS A 103 -3.84 -13.75 4.95
N SER A 104 -3.65 -12.93 3.91
CA SER A 104 -4.13 -11.62 4.02
C SER A 104 -5.69 -11.58 4.01
N ARG A 105 -6.25 -10.56 4.61
CA ARG A 105 -7.72 -10.30 4.60
C ARG A 105 -8.10 -9.20 3.69
N GLY A 106 -7.21 -8.25 3.53
CA GLY A 106 -7.47 -7.08 2.79
C GLY A 106 -6.41 -6.79 1.71
N VAL A 107 -6.84 -6.17 0.59
CA VAL A 107 -5.99 -5.64 -0.39
C VAL A 107 -6.41 -4.21 -0.55
N VAL A 108 -5.39 -3.34 -0.51
CA VAL A 108 -5.58 -1.90 -0.67
C VAL A 108 -4.96 -1.45 -1.97
N MET A 109 -5.76 -0.99 -2.92
CA MET A 109 -5.34 -0.59 -4.25
C MET A 109 -5.47 0.92 -4.36
N LEU A 110 -4.39 1.61 -4.66
CA LEU A 110 -4.34 3.12 -4.67
C LEU A 110 -4.25 3.73 -6.02
N ASN A 111 -4.38 2.95 -7.05
CA ASN A 111 -4.24 3.37 -8.42
C ASN A 111 -5.48 2.94 -9.20
N ARG A 112 -5.53 3.31 -10.46
CA ARG A 112 -6.47 2.75 -11.44
C ARG A 112 -5.76 1.86 -12.42
N VAL A 113 -6.52 1.02 -13.12
CA VAL A 113 -5.92 0.16 -14.10
C VAL A 113 -5.38 0.94 -15.31
N MET A 114 -6.04 2.02 -15.67
CA MET A 114 -5.52 2.88 -16.76
C MET A 114 -5.27 4.33 -16.25
N GLU A 115 -4.07 4.79 -16.40
CA GLU A 115 -3.71 6.13 -15.89
C GLU A 115 -2.94 6.80 -17.03
N LYS A 116 -3.35 8.04 -17.33
CA LYS A 116 -2.75 8.80 -18.44
C LYS A 116 -2.58 7.99 -19.70
N GLY A 117 -3.60 7.22 -20.04
CA GLY A 117 -3.59 6.53 -21.34
C GLY A 117 -2.78 5.26 -21.39
N SER A 118 -2.24 4.86 -20.25
CA SER A 118 -1.31 3.74 -20.23
C SER A 118 -1.88 2.71 -19.19
N LEU A 119 -1.71 1.43 -19.44
CA LEU A 119 -2.15 0.33 -18.51
C LEU A 119 -1.12 0.30 -17.38
N LYS A 120 -1.61 0.49 -16.20
CA LYS A 120 -0.75 0.57 -14.99
C LYS A 120 -0.84 -0.65 -14.09
N CYS A 121 -1.86 -1.46 -14.35
CA CYS A 121 -2.19 -2.58 -13.42
C CYS A 121 -3.15 -3.43 -14.22
N ALA A 122 -2.95 -4.73 -14.18
CA ALA A 122 -3.95 -5.63 -14.79
C ALA A 122 -5.32 -5.58 -14.08
N GLN A 123 -6.32 -6.02 -14.78
CA GLN A 123 -7.70 -6.14 -14.27
C GLN A 123 -7.77 -7.46 -13.50
N TYR A 124 -7.26 -7.44 -12.23
CA TYR A 124 -6.90 -8.69 -11.58
C TYR A 124 -8.09 -9.20 -10.75
N TRP A 125 -9.17 -8.48 -10.69
CA TRP A 125 -10.35 -8.87 -9.93
C TRP A 125 -11.57 -8.79 -10.87
N PRO A 126 -12.63 -9.55 -10.59
CA PRO A 126 -13.82 -9.53 -11.50
C PRO A 126 -14.67 -8.26 -11.25
N GLN A 127 -15.13 -7.69 -12.35
CA GLN A 127 -16.02 -6.53 -12.35
C GLN A 127 -17.50 -6.88 -12.22
N LYS A 128 -17.83 -8.10 -12.53
CA LYS A 128 -19.20 -8.52 -12.48
C LYS A 128 -19.33 -9.84 -11.75
N GLU A 129 -20.38 -9.98 -10.96
CA GLU A 129 -20.65 -11.16 -10.14
C GLU A 129 -20.59 -12.43 -10.98
N GLU A 130 -21.22 -12.40 -12.15
CA GLU A 130 -21.46 -13.62 -12.92
C GLU A 130 -20.24 -14.00 -13.81
N LYS A 131 -19.19 -13.19 -13.77
CA LYS A 131 -17.97 -13.38 -14.54
C LYS A 131 -16.77 -13.56 -13.57
N GLU A 132 -16.78 -14.68 -12.88
CA GLU A 132 -15.69 -14.99 -11.95
C GLU A 132 -14.39 -15.28 -12.72
N MET A 133 -13.25 -15.16 -12.01
CA MET A 133 -11.96 -15.35 -12.63
C MET A 133 -11.42 -16.74 -12.12
N ILE A 134 -10.75 -17.47 -13.01
CA ILE A 134 -10.07 -18.68 -12.56
C ILE A 134 -8.63 -18.52 -13.00
N PHE A 135 -7.71 -18.62 -12.05
CA PHE A 135 -6.26 -18.54 -12.27
C PHE A 135 -5.76 -20.02 -12.34
N GLU A 136 -5.61 -20.47 -13.56
CA GLU A 136 -5.23 -21.83 -13.84
C GLU A 136 -3.92 -22.25 -13.38
N ASP A 137 -2.97 -21.37 -13.46
CA ASP A 137 -1.61 -21.68 -13.05
C ASP A 137 -1.52 -21.92 -11.53
N THR A 138 -2.30 -21.24 -10.71
CA THR A 138 -2.11 -21.35 -9.27
C THR A 138 -3.33 -22.02 -8.63
N ASN A 139 -4.31 -22.40 -9.47
CA ASN A 139 -5.51 -23.08 -9.10
C ASN A 139 -6.41 -22.37 -8.12
N LEU A 140 -6.63 -21.10 -8.43
CA LEU A 140 -7.51 -20.24 -7.61
C LEU A 140 -8.68 -19.70 -8.38
N LYS A 141 -9.78 -19.49 -7.66
CA LYS A 141 -11.01 -18.87 -8.23
C LYS A 141 -11.41 -17.66 -7.44
N LEU A 142 -11.84 -16.60 -8.13
CA LEU A 142 -12.10 -15.33 -7.49
C LEU A 142 -13.45 -14.74 -8.00
N THR A 143 -14.36 -14.46 -7.09
CA THR A 143 -15.76 -14.06 -7.38
C THR A 143 -16.08 -12.72 -6.69
N LEU A 144 -16.68 -11.80 -7.42
CA LEU A 144 -17.13 -10.54 -6.90
C LEU A 144 -18.50 -10.88 -6.20
N ILE A 145 -18.60 -10.64 -4.88
CA ILE A 145 -19.85 -10.82 -4.14
C ILE A 145 -20.72 -9.57 -4.05
N SER A 146 -20.13 -8.48 -3.70
CA SER A 146 -20.80 -7.20 -3.67
C SER A 146 -19.79 -6.08 -3.65
N GLU A 147 -20.25 -4.86 -3.93
CA GLU A 147 -19.39 -3.68 -3.79
C GLU A 147 -20.16 -2.50 -3.33
N ASP A 148 -19.43 -1.58 -2.72
CA ASP A 148 -19.97 -0.33 -2.14
C ASP A 148 -19.16 0.79 -2.74
N ILE A 149 -19.78 1.53 -3.64
CA ILE A 149 -19.09 2.57 -4.42
C ILE A 149 -19.39 3.88 -3.74
N LYS A 150 -18.32 4.60 -3.39
CA LYS A 150 -18.43 5.92 -2.81
C LYS A 150 -17.85 6.92 -3.77
N SER A 151 -17.88 8.18 -3.43
CA SER A 151 -17.49 9.16 -4.41
C SER A 151 -16.03 8.99 -4.86
N TYR A 152 -15.13 8.57 -3.96
CA TYR A 152 -13.72 8.61 -4.33
C TYR A 152 -12.98 7.28 -4.00
N TYR A 153 -13.71 6.35 -3.45
CA TYR A 153 -13.22 5.02 -3.22
C TYR A 153 -14.33 3.98 -3.29
N THR A 154 -13.93 2.72 -3.50
CA THR A 154 -14.87 1.64 -3.53
C THR A 154 -14.40 0.51 -2.65
N VAL A 155 -15.32 -0.14 -1.96
CA VAL A 155 -14.98 -1.33 -1.17
C VAL A 155 -15.64 -2.57 -1.74
N ARG A 156 -14.92 -3.65 -2.01
CA ARG A 156 -15.51 -4.78 -2.63
C ARG A 156 -15.34 -5.94 -1.72
N GLN A 157 -16.35 -6.79 -1.71
CA GLN A 157 -16.31 -8.07 -1.06
C GLN A 157 -16.06 -9.17 -2.10
N LEU A 158 -14.93 -9.90 -1.98
CA LEU A 158 -14.50 -10.87 -2.94
C LEU A 158 -14.44 -12.20 -2.25
N GLU A 159 -14.73 -13.29 -2.91
CA GLU A 159 -14.53 -14.63 -2.40
C GLU A 159 -13.41 -15.29 -3.17
N LEU A 160 -12.35 -15.63 -2.44
CA LEU A 160 -11.17 -16.33 -3.00
C LEU A 160 -11.27 -17.79 -2.61
N GLU A 161 -11.28 -18.66 -3.60
CA GLU A 161 -11.36 -20.11 -3.35
C GLU A 161 -10.10 -20.77 -3.80
N ASN A 162 -9.48 -21.58 -2.94
CA ASN A 162 -8.41 -22.35 -3.32
C ASN A 162 -8.91 -23.70 -3.86
N LEU A 163 -8.71 -23.92 -5.13
CA LEU A 163 -9.30 -25.08 -5.81
C LEU A 163 -8.62 -26.37 -5.42
N THR A 164 -7.42 -26.26 -4.94
CA THR A 164 -6.66 -27.46 -4.53
C THR A 164 -7.22 -27.90 -3.19
N THR A 165 -7.41 -26.99 -2.25
CA THR A 165 -7.71 -27.37 -0.88
C THR A 165 -9.18 -27.30 -0.63
N GLN A 166 -9.94 -26.76 -1.62
CA GLN A 166 -11.36 -26.57 -1.45
C GLN A 166 -11.81 -25.60 -0.36
N GLU A 167 -10.98 -24.68 0.04
CA GLU A 167 -11.31 -23.74 1.04
C GLU A 167 -11.58 -22.37 0.41
N THR A 168 -12.36 -21.57 1.10
CA THR A 168 -12.74 -20.24 0.65
C THR A 168 -12.49 -19.24 1.72
N ARG A 169 -12.19 -17.97 1.31
CA ARG A 169 -11.93 -16.86 2.22
C ARG A 169 -12.52 -15.60 1.64
N GLU A 170 -13.03 -14.75 2.50
CA GLU A 170 -13.53 -13.50 2.10
C GLU A 170 -12.35 -12.55 2.15
N ILE A 171 -12.13 -11.82 1.02
CA ILE A 171 -11.14 -10.75 0.95
C ILE A 171 -11.87 -9.46 0.71
N LEU A 172 -11.39 -8.45 1.39
CA LEU A 172 -11.91 -7.12 1.25
C LEU A 172 -10.97 -6.32 0.38
N HIS A 173 -11.56 -5.61 -0.61
CA HIS A 173 -10.80 -4.85 -1.56
C HIS A 173 -11.11 -3.39 -1.35
N PHE A 174 -10.07 -2.63 -0.96
CA PHE A 174 -10.25 -1.22 -0.61
C PHE A 174 -9.58 -0.47 -1.72
N HIS A 175 -10.39 0.14 -2.57
CA HIS A 175 -9.86 0.66 -3.75
C HIS A 175 -10.04 2.24 -3.84
N TYR A 176 -8.94 2.93 -3.73
CA TYR A 176 -8.94 4.44 -3.81
C TYR A 176 -8.84 4.86 -5.28
N THR A 177 -9.91 5.43 -5.83
CA THR A 177 -10.05 5.51 -7.22
C THR A 177 -9.72 6.91 -7.74
N THR A 178 -9.39 7.85 -6.85
CA THR A 178 -9.10 9.22 -7.22
C THR A 178 -7.75 9.80 -6.77
N TRP A 179 -6.75 8.93 -6.63
CA TRP A 179 -5.42 9.30 -6.22
C TRP A 179 -4.48 9.22 -7.42
N PRO A 180 -4.08 10.40 -7.93
CA PRO A 180 -3.34 10.36 -9.13
C PRO A 180 -1.93 9.89 -8.96
N ASP A 181 -1.40 9.33 -10.04
CA ASP A 181 -0.01 8.91 -10.15
C ASP A 181 0.83 10.15 -9.88
N PHE A 182 1.89 9.98 -9.14
CA PHE A 182 2.80 11.03 -8.65
C PHE A 182 2.13 12.21 -7.98
N GLY A 183 0.93 11.99 -7.46
CA GLY A 183 0.08 13.03 -6.83
C GLY A 183 -0.27 12.62 -5.41
N VAL A 184 -1.24 13.34 -4.83
CA VAL A 184 -1.58 13.23 -3.46
C VAL A 184 -3.09 13.18 -3.42
N PRO A 185 -3.67 12.66 -2.33
CA PRO A 185 -5.09 12.72 -2.13
C PRO A 185 -5.66 14.18 -2.06
N GLU A 186 -6.99 14.29 -2.14
CA GLU A 186 -7.63 15.59 -2.29
C GLU A 186 -7.45 16.35 -1.01
N SER A 187 -7.41 15.64 0.10
CA SER A 187 -7.19 16.26 1.36
C SER A 187 -6.82 15.22 2.42
N PRO A 188 -6.14 15.67 3.46
CA PRO A 188 -5.90 14.80 4.58
C PRO A 188 -7.19 14.13 4.99
N ALA A 189 -8.35 14.81 4.98
CA ALA A 189 -9.52 14.15 5.57
C ALA A 189 -10.00 12.94 4.75
N SER A 190 -9.95 13.07 3.45
CA SER A 190 -10.42 12.02 2.56
C SER A 190 -9.47 10.82 2.62
N PHE A 191 -8.17 11.09 2.63
CA PHE A 191 -7.17 10.07 2.96
C PHE A 191 -7.45 9.36 4.25
N LEU A 192 -7.64 10.08 5.40
CA LEU A 192 -7.83 9.48 6.70
C LEU A 192 -9.09 8.72 6.80
N ASN A 193 -10.15 9.21 6.16
CA ASN A 193 -11.39 8.56 6.17
C ASN A 193 -11.21 7.17 5.56
N PHE A 194 -10.47 7.10 4.48
CA PHE A 194 -10.19 5.81 3.80
C PHE A 194 -9.34 4.94 4.68
N LEU A 195 -8.20 5.47 5.17
CA LEU A 195 -7.37 4.69 6.09
C LEU A 195 -8.13 4.13 7.28
N PHE A 196 -8.97 4.99 7.92
CA PHE A 196 -9.81 4.51 9.04
C PHE A 196 -10.86 3.51 8.65
N LYS A 197 -11.32 3.58 7.43
CA LYS A 197 -12.21 2.54 6.94
C LYS A 197 -11.46 1.19 6.86
N VAL A 198 -10.26 1.23 6.29
CA VAL A 198 -9.44 -0.03 6.33
C VAL A 198 -9.23 -0.50 7.73
N ARG A 199 -8.86 0.40 8.63
CA ARG A 199 -8.59 -0.01 9.96
C ARG A 199 -9.81 -0.64 10.63
N GLU A 200 -10.97 -0.06 10.40
CA GLU A 200 -12.19 -0.50 11.13
C GLU A 200 -12.73 -1.79 10.61
N SER A 201 -12.31 -2.18 9.41
CA SER A 201 -12.71 -3.44 8.81
C SER A 201 -12.06 -4.58 9.47
N GLY A 202 -10.97 -4.35 10.18
CA GLY A 202 -10.22 -5.41 10.82
C GLY A 202 -9.14 -6.05 9.97
N SER A 203 -8.97 -5.52 8.74
CA SER A 203 -8.00 -6.06 7.78
C SER A 203 -6.56 -5.89 8.20
N LEU A 204 -6.32 -4.97 9.15
CA LEU A 204 -4.98 -4.68 9.58
C LEU A 204 -4.68 -5.39 10.90
N SER A 205 -5.60 -6.20 11.38
CA SER A 205 -5.40 -6.83 12.68
C SER A 205 -4.26 -7.87 12.62
N PRO A 206 -3.56 -8.09 13.73
CA PRO A 206 -2.48 -9.05 13.81
C PRO A 206 -2.94 -10.50 13.77
N GLU A 207 -4.25 -10.75 13.90
CA GLU A 207 -4.78 -12.10 13.74
C GLU A 207 -4.83 -12.55 12.24
N HIS A 208 -4.77 -11.59 11.32
CA HIS A 208 -4.68 -11.91 9.87
C HIS A 208 -3.23 -11.73 9.42
N GLY A 209 -2.94 -12.20 8.23
CA GLY A 209 -1.71 -11.93 7.64
C GLY A 209 -1.66 -10.47 7.26
N PRO A 210 -0.50 -10.07 6.73
CA PRO A 210 -0.29 -8.64 6.46
C PRO A 210 -1.24 -8.17 5.30
N VAL A 211 -1.78 -6.98 5.41
CA VAL A 211 -2.51 -6.39 4.28
C VAL A 211 -1.61 -6.36 3.09
N VAL A 212 -2.18 -6.46 1.88
CA VAL A 212 -1.40 -6.17 0.67
C VAL A 212 -1.74 -4.81 0.21
N VAL A 213 -0.78 -3.94 0.06
CA VAL A 213 -1.02 -2.53 -0.39
C VAL A 213 -0.30 -2.46 -1.74
N HIS A 214 -0.99 -1.94 -2.76
CA HIS A 214 -0.34 -1.78 -4.04
C HIS A 214 -0.77 -0.47 -4.72
N SER A 215 0.09 -0.06 -5.62
CA SER A 215 -0.18 0.98 -6.57
C SER A 215 0.19 0.48 -7.95
N SER A 216 0.76 1.28 -8.82
CA SER A 216 1.32 0.71 -10.08
C SER A 216 2.67 0.05 -9.82
N ALA A 217 3.56 0.71 -9.11
CA ALA A 217 4.86 0.20 -8.77
C ALA A 217 4.92 -0.39 -7.40
N GLY A 218 3.99 -0.03 -6.55
CA GLY A 218 3.98 -0.46 -5.14
C GLY A 218 4.99 0.28 -4.32
N ILE A 219 5.27 1.53 -4.66
CA ILE A 219 6.15 2.34 -3.84
C ILE A 219 5.64 3.76 -3.49
N GLY A 220 4.99 4.48 -4.42
CA GLY A 220 4.78 5.96 -4.22
C GLY A 220 3.52 6.28 -3.39
N ARG A 221 2.35 6.02 -3.97
CA ARG A 221 1.15 6.02 -3.25
C ARG A 221 1.13 5.04 -2.10
N SER A 222 1.59 3.80 -2.39
CA SER A 222 1.70 2.81 -1.38
C SER A 222 2.56 3.18 -0.22
N GLY A 223 3.73 3.77 -0.46
CA GLY A 223 4.56 4.31 0.58
C GLY A 223 3.87 5.35 1.49
N THR A 224 3.11 6.24 0.85
CA THR A 224 2.38 7.30 1.47
C THR A 224 1.37 6.74 2.42
N PHE A 225 0.58 5.73 1.96
CA PHE A 225 -0.41 5.04 2.80
C PHE A 225 0.19 4.35 4.07
N CYS A 226 1.23 3.59 3.84
CA CYS A 226 1.85 2.87 4.96
C CYS A 226 2.59 3.75 5.90
N LEU A 227 3.20 4.83 5.44
CA LEU A 227 3.96 5.67 6.33
C LEU A 227 3.00 6.39 7.26
N ALA A 228 1.90 6.88 6.71
CA ALA A 228 0.87 7.48 7.58
C ALA A 228 0.32 6.57 8.67
N ASP A 229 -0.10 5.37 8.28
CA ASP A 229 -0.58 4.42 9.17
C ASP A 229 0.43 4.08 10.27
N THR A 230 1.65 3.76 9.87
CA THR A 230 2.71 3.50 10.78
C THR A 230 3.02 4.64 11.77
N CYS A 231 3.07 5.87 11.26
CA CYS A 231 3.36 6.92 12.16
C CYS A 231 2.25 7.07 13.18
N LEU A 232 1.01 6.87 12.75
CA LEU A 232 -0.11 7.11 13.67
C LEU A 232 -0.12 5.99 14.73
N LEU A 233 0.29 4.79 14.35
CA LEU A 233 0.49 3.73 15.29
C LEU A 233 1.58 4.14 16.36
N LEU A 234 2.69 4.67 15.90
CA LEU A 234 3.78 5.01 16.82
C LEU A 234 3.33 6.08 17.82
N MET A 235 2.59 7.08 17.30
CA MET A 235 2.01 8.19 18.05
C MET A 235 1.22 7.70 19.20
N ASP A 236 0.56 6.59 18.97
CA ASP A 236 -0.33 6.00 19.98
C ASP A 236 0.42 5.16 20.97
N LYS A 237 1.58 4.62 20.60
CA LYS A 237 2.32 3.74 21.51
C LYS A 237 3.36 4.51 22.34
N ARG A 238 3.80 5.66 21.87
CA ARG A 238 4.96 6.26 22.52
C ARG A 238 4.66 7.12 23.73
N LYS A 239 5.60 7.09 24.71
CA LYS A 239 5.45 7.90 25.94
C LYS A 239 5.23 9.32 25.49
N ASP A 240 6.03 9.78 24.53
CA ASP A 240 5.93 11.10 23.96
C ASP A 240 5.44 11.05 22.49
N PRO A 241 4.14 11.36 22.22
CA PRO A 241 3.63 11.35 20.83
C PRO A 241 4.34 12.26 19.84
N SER A 242 5.11 13.22 20.35
CA SER A 242 5.82 14.20 19.54
C SER A 242 7.17 13.75 19.09
N SER A 243 7.71 12.70 19.72
CA SER A 243 9.00 12.09 19.33
C SER A 243 8.97 11.42 17.93
N VAL A 244 7.78 11.10 17.42
CA VAL A 244 7.73 10.44 16.08
C VAL A 244 8.39 11.30 15.02
N ASP A 245 9.45 10.79 14.42
CA ASP A 245 10.17 11.50 13.41
C ASP A 245 9.82 10.85 12.07
N ILE A 246 9.03 11.53 11.28
CA ILE A 246 8.51 10.96 10.02
C ILE A 246 9.59 10.52 9.05
N LYS A 247 10.60 11.36 8.89
CA LYS A 247 11.78 11.05 8.10
C LYS A 247 12.45 9.75 8.53
N LYS A 248 12.62 9.53 9.84
CA LYS A 248 13.25 8.31 10.34
C LYS A 248 12.39 7.12 10.07
N VAL A 249 11.08 7.31 10.18
CA VAL A 249 10.14 6.14 10.04
C VAL A 249 10.17 5.73 8.53
N LEU A 250 10.29 6.71 7.66
CA LEU A 250 10.34 6.44 6.26
C LEU A 250 11.65 5.78 5.89
N LEU A 251 12.80 6.14 6.50
CA LEU A 251 14.04 5.47 6.17
C LEU A 251 13.98 4.06 6.70
N GLU A 252 13.28 3.90 7.83
CA GLU A 252 13.07 2.54 8.36
C GLU A 252 12.29 1.65 7.33
N MET A 253 11.18 2.13 6.84
CA MET A 253 10.43 1.43 5.78
C MET A 253 11.25 1.19 4.55
N ARG A 254 12.10 2.14 4.13
CA ARG A 254 12.97 1.93 3.00
C ARG A 254 14.05 0.84 3.20
N LYS A 255 14.22 0.32 4.42
CA LYS A 255 15.08 -0.87 4.59
C LYS A 255 14.46 -2.12 3.95
N PHE A 256 13.14 -2.03 3.74
CA PHE A 256 12.38 -3.17 3.28
C PHE A 256 11.97 -3.14 1.85
N ARG A 257 11.73 -1.96 1.31
CA ARG A 257 11.40 -1.85 -0.13
C ARG A 257 11.93 -0.47 -0.59
N MET A 258 12.59 -0.49 -1.74
CA MET A 258 13.15 0.76 -2.27
C MET A 258 12.05 1.75 -2.67
N GLY A 259 12.45 2.99 -2.60
CA GLY A 259 11.71 4.04 -3.29
C GLY A 259 10.39 4.51 -2.70
N LEU A 260 10.11 4.12 -1.46
CA LEU A 260 8.80 4.48 -0.85
C LEU A 260 8.64 6.01 -0.71
N ILE A 261 7.55 6.56 -1.25
CA ILE A 261 7.27 7.98 -1.37
C ILE A 261 8.11 8.50 -2.54
N GLN A 262 7.42 8.86 -3.60
CA GLN A 262 8.05 9.16 -4.85
C GLN A 262 8.30 10.66 -5.15
N THR A 263 7.62 11.54 -4.43
CA THR A 263 7.76 12.96 -4.58
C THR A 263 7.85 13.66 -3.24
N ALA A 264 8.50 14.82 -3.26
CA ALA A 264 8.45 15.75 -2.10
C ALA A 264 7.06 16.09 -1.64
N ASP A 265 6.14 16.28 -2.56
CA ASP A 265 4.78 16.63 -2.18
C ASP A 265 4.03 15.49 -1.57
N GLN A 266 4.34 14.25 -1.97
CA GLN A 266 3.84 13.07 -1.18
C GLN A 266 4.37 13.06 0.24
N LEU A 267 5.66 13.36 0.40
CA LEU A 267 6.26 13.48 1.75
C LEU A 267 5.53 14.52 2.61
N ARG A 268 5.31 15.68 2.02
CA ARG A 268 4.57 16.77 2.67
C ARG A 268 3.15 16.36 3.01
N PHE A 269 2.46 15.74 2.08
CA PHE A 269 1.14 15.23 2.41
C PHE A 269 1.16 14.25 3.57
N SER A 270 2.17 13.39 3.61
CA SER A 270 2.29 12.45 4.67
C SER A 270 2.31 13.19 5.99
N TYR A 271 3.13 14.22 6.10
CA TYR A 271 3.11 15.01 7.35
C TYR A 271 1.73 15.57 7.64
N LEU A 272 1.08 16.18 6.65
CA LEU A 272 -0.33 16.70 6.86
C LEU A 272 -1.29 15.68 7.42
N ALA A 273 -1.24 14.48 6.84
CA ALA A 273 -2.08 13.42 7.27
C ALA A 273 -1.86 13.00 8.68
N VAL A 274 -0.58 12.82 9.04
CA VAL A 274 -0.29 12.36 10.34
C VAL A 274 -0.67 13.41 11.41
N ILE A 275 -0.36 14.65 11.10
CA ILE A 275 -0.69 15.83 12.00
C ILE A 275 -2.19 15.87 12.26
N GLU A 276 -2.99 15.86 11.19
CA GLU A 276 -4.45 15.82 11.34
C GLU A 276 -4.94 14.55 12.04
N GLY A 277 -4.41 13.43 11.56
CA GLY A 277 -4.76 12.17 12.17
C GLY A 277 -4.51 12.05 13.65
N ALA A 278 -3.48 12.74 14.12
CA ALA A 278 -3.17 12.73 15.55
C ALA A 278 -4.33 13.19 16.51
N LYS A 279 -5.30 13.98 16.00
CA LYS A 279 -6.48 14.38 16.79
C LYS A 279 -7.26 13.19 17.30
N PHE A 280 -7.42 12.19 16.42
CA PHE A 280 -8.00 10.97 16.87
C PHE A 280 -7.19 10.33 17.96
N ILE A 281 -5.89 10.10 17.65
CA ILE A 281 -4.99 9.32 18.52
C ILE A 281 -4.93 9.92 19.94
N MET A 282 -4.96 11.26 19.98
CA MET A 282 -4.88 11.98 21.27
C MET A 282 -6.13 11.77 22.14
N GLY A 283 -7.22 11.26 21.56
CA GLY A 283 -8.39 10.78 22.34
C GLY A 283 -9.75 11.19 21.80
N ASP A 284 -9.78 12.28 21.01
CA ASP A 284 -10.98 12.84 20.37
C ASP A 284 -11.52 11.87 19.30
N SER A 285 -12.21 10.81 19.70
CA SER A 285 -12.69 9.82 18.71
C SER A 285 -13.83 10.32 17.81
N SER A 286 -14.41 11.49 18.17
CA SER A 286 -15.43 12.21 17.35
C SER A 286 -14.97 12.67 15.92
N VAL A 287 -13.71 13.13 15.80
CA VAL A 287 -13.17 13.64 14.51
C VAL A 287 -13.26 12.67 13.33
N GLN A 288 -13.39 11.36 13.58
CA GLN A 288 -13.66 10.41 12.47
C GLN A 288 -14.90 10.82 11.66
N ASP A 289 -15.96 11.14 12.40
CA ASP A 289 -17.21 11.59 11.84
C ASP A 289 -17.02 12.90 11.09
N GLN A 290 -16.09 13.75 11.54
CA GLN A 290 -15.82 15.04 10.83
C GLN A 290 -15.04 14.83 9.50
N TRP A 291 -14.08 13.88 9.48
CA TRP A 291 -13.41 13.44 8.23
C TRP A 291 -14.42 12.88 7.18
N LYS A 292 -15.27 11.95 7.65
CA LYS A 292 -16.34 11.31 6.83
C LYS A 292 -17.16 12.36 6.10
N GLU A 293 -17.72 13.27 6.90
CA GLU A 293 -18.48 14.37 6.35
C GLU A 293 -17.63 15.21 5.39
N LEU A 294 -16.44 15.63 5.82
CA LEU A 294 -15.52 16.42 4.97
C LEU A 294 -15.08 15.77 3.66
N SER A 295 -15.06 14.43 3.63
CA SER A 295 -14.58 13.68 2.46
C SER A 295 -15.61 13.55 1.32
N HIS A 296 -16.89 13.81 1.64
CA HIS A 296 -18.00 13.90 0.66
C HIS A 296 -18.20 12.55 -0.06
N GLU A 297 -18.31 11.48 0.72
CA GLU A 297 -18.33 10.11 0.19
C GLU A 297 -19.67 9.62 -0.44
N ASP A 298 -20.78 10.35 -0.25
CA ASP A 298 -22.07 10.14 -0.99
C ASP A 298 -22.17 9.04 -2.11
N GLY B 3 13.31 -1.72 -20.58
CA GLY B 3 11.92 -1.77 -20.05
C GLY B 3 11.35 -0.41 -19.69
N PRO B 4 10.08 -0.36 -19.23
CA PRO B 4 9.54 0.92 -18.74
C PRO B 4 10.18 1.30 -17.42
N LEU B 5 10.17 2.60 -17.15
CA LEU B 5 10.70 3.15 -15.90
C LEU B 5 9.63 3.84 -15.13
N ASP B 7 10.16 5.86 -12.57
CA ASP B 7 10.56 7.20 -12.14
C ASP B 7 11.12 7.73 -13.40
N GLU B 8 10.22 8.44 -14.12
CA GLU B 8 10.47 9.18 -15.37
C GLU B 8 9.41 8.74 -16.39
#